data_1UBW
#
_entry.id   1UBW
#
_cell.length_a   88.700
_cell.length_b   88.700
_cell.length_c   274.900
_cell.angle_alpha   90.00
_cell.angle_beta   90.00
_cell.angle_gamma   90.00
#
_symmetry.space_group_name_H-M   'I 41 2 2'
#
loop_
_entity.id
_entity.type
_entity.pdbx_description
1 polymer 'FARNESYL DIPHOSPHATE SYNTHASE'
2 non-polymer 'MAGNESIUM ION'
3 non-polymer 'GERANYL DIPHOSPHATE'
4 water water
#
_entity_poly.entity_id   1
_entity_poly.type   'polypeptide(L)'
_entity_poly.pdbx_seq_one_letter_code
;MHKFTGVNAKFQQPALRNLSPVVVEREREEFVGFFPQIVRDLTEDGIGHPEVGDAVARLKEVLQYNAPGGKCNRGLTVVA
AYRELSGPGQKDAESLRCALAVGWCIELFQAASLVADDIMDQSLTRRGQLCWYKKEGVGLDAINDSFLLESSVYRVLKKY
CRQRPYYVHLLELFLQTAYQTELGQMLDLITAPVSKVDLSHFSEERYKAIVKYKTAFYSFYLPVAAAMYMVGIDSKEEHE
NAKAILLEMGEYFQIQDDYLDCFGDPALTGAVGTDIQDNKCSWLVVQCLQRVTPEQRQLLEDNYGRKEPEKVAKVKELYE
AVGMRAAFQQYEESSYRRLQELIEKHSNRLPKEIFLGLAQKIYKRQK
;
_entity_poly.pdbx_strand_id   A
#
loop_
_chem_comp.id
_chem_comp.type
_chem_comp.name
_chem_comp.formula
GPP non-polymer 'GERANYL DIPHOSPHATE' 'C10 H20 O7 P2'
MG non-polymer 'MAGNESIUM ION' 'Mg 2'
#
# COMPACT_ATOMS: atom_id res chain seq x y z
N SER A 20 -8.21 -18.70 8.60
CA SER A 20 -7.65 -19.68 9.55
C SER A 20 -6.14 -19.52 9.81
N PRO A 21 -5.73 -19.79 11.03
CA PRO A 21 -4.31 -19.68 11.37
C PRO A 21 -3.57 -20.88 10.80
N VAL A 22 -4.03 -21.33 9.63
CA VAL A 22 -3.45 -22.50 8.94
C VAL A 22 -3.31 -22.25 7.45
N VAL A 23 -4.44 -21.92 6.81
CA VAL A 23 -4.50 -21.66 5.36
C VAL A 23 -3.77 -20.40 4.89
N VAL A 24 -4.19 -19.28 5.47
CA VAL A 24 -3.63 -17.99 5.20
C VAL A 24 -2.11 -18.08 5.25
N GLU A 25 -1.57 -18.75 6.28
CA GLU A 25 -0.11 -18.87 6.39
C GLU A 25 0.44 -19.88 5.37
N ARG A 26 -0.40 -20.86 5.04
CA ARG A 26 -0.05 -21.84 4.02
C ARG A 26 -0.03 -21.00 2.73
N GLU A 27 -1.08 -20.21 2.52
CA GLU A 27 -1.15 -19.31 1.38
C GLU A 27 0.12 -18.53 1.58
N ARG A 28 0.28 -18.03 2.78
CA ARG A 28 1.48 -17.27 3.10
C ARG A 28 2.82 -17.90 2.77
N GLU A 29 3.17 -19.07 3.29
CA GLU A 29 4.47 -19.60 2.92
C GLU A 29 4.77 -19.88 1.43
N GLU A 30 3.71 -20.19 0.65
CA GLU A 30 3.78 -20.47 -0.79
C GLU A 30 4.30 -19.18 -1.49
N PHE A 31 3.67 -18.04 -1.15
CA PHE A 31 4.03 -16.75 -1.72
C PHE A 31 5.50 -16.41 -1.53
N VAL A 32 5.94 -16.36 -0.29
CA VAL A 32 7.32 -16.08 0.06
C VAL A 32 8.13 -17.19 -0.58
N GLY A 33 7.63 -18.41 -0.60
CA GLY A 33 8.51 -19.43 -1.18
C GLY A 33 8.79 -19.18 -2.68
N PHE A 34 7.96 -18.30 -3.29
CA PHE A 34 8.04 -17.97 -4.71
C PHE A 34 9.09 -16.94 -5.18
N PHE A 35 9.38 -15.99 -4.30
CA PHE A 35 10.34 -14.92 -4.56
C PHE A 35 11.62 -15.12 -5.36
N PRO A 36 12.28 -16.27 -5.20
CA PRO A 36 13.58 -16.52 -5.86
C PRO A 36 13.35 -16.86 -7.29
N GLN A 37 12.20 -17.49 -7.38
CA GLN A 37 11.81 -17.94 -8.66
C GLN A 37 11.71 -16.68 -9.43
N ILE A 38 11.00 -15.73 -8.88
CA ILE A 38 10.83 -14.45 -9.58
C ILE A 38 12.15 -13.76 -9.81
N VAL A 39 13.02 -13.90 -8.80
CA VAL A 39 14.26 -13.21 -8.96
C VAL A 39 14.87 -13.88 -10.19
N ARG A 40 14.91 -15.21 -10.16
CA ARG A 40 15.45 -15.99 -11.28
C ARG A 40 14.94 -15.49 -12.61
N ASP A 41 13.62 -15.38 -12.75
CA ASP A 41 13.02 -14.95 -13.98
C ASP A 41 13.71 -13.67 -14.44
N LEU A 42 13.77 -12.74 -13.51
CA LEU A 42 14.37 -11.46 -13.80
C LEU A 42 15.84 -11.28 -14.20
N THR A 43 16.75 -12.06 -13.65
CA THR A 43 18.19 -11.90 -13.89
C THR A 43 19.01 -13.06 -14.42
N GLU A 44 18.47 -14.28 -14.38
CA GLU A 44 19.21 -15.43 -14.83
C GLU A 44 19.93 -15.38 -16.14
N ASP A 45 19.33 -14.77 -17.15
CA ASP A 45 20.07 -14.73 -18.39
C ASP A 45 20.92 -13.47 -18.42
N GLY A 46 20.33 -12.39 -17.90
CA GLY A 46 20.96 -11.08 -17.86
C GLY A 46 22.32 -11.11 -17.20
N ILE A 47 22.40 -11.84 -16.09
CA ILE A 47 23.60 -12.04 -15.25
C ILE A 47 24.93 -12.33 -15.95
N GLY A 48 24.88 -13.09 -17.04
CA GLY A 48 26.09 -13.41 -17.77
C GLY A 48 26.22 -12.67 -19.11
N HIS A 49 25.15 -11.96 -19.50
CA HIS A 49 25.15 -11.24 -20.74
C HIS A 49 26.37 -10.40 -20.78
N PRO A 50 27.16 -10.68 -21.78
CA PRO A 50 28.41 -10.00 -22.04
C PRO A 50 28.25 -8.47 -22.17
N GLU A 51 27.08 -7.98 -22.51
CA GLU A 51 26.90 -6.53 -22.66
C GLU A 51 26.38 -5.84 -21.41
N VAL A 52 25.27 -6.38 -20.85
CA VAL A 52 24.61 -5.79 -19.71
C VAL A 52 24.73 -6.51 -18.40
N GLY A 53 25.37 -7.67 -18.49
CA GLY A 53 25.56 -8.49 -17.31
C GLY A 53 25.80 -7.70 -16.03
N ASP A 54 26.52 -6.56 -16.13
CA ASP A 54 26.83 -5.71 -14.95
C ASP A 54 25.56 -5.02 -14.49
N ALA A 55 24.75 -4.63 -15.46
CA ALA A 55 23.50 -4.01 -15.10
C ALA A 55 22.61 -5.07 -14.42
N VAL A 56 22.44 -6.25 -15.05
CA VAL A 56 21.59 -7.26 -14.39
C VAL A 56 21.91 -7.70 -12.99
N ALA A 57 23.18 -7.91 -12.73
CA ALA A 57 23.65 -8.29 -11.40
C ALA A 57 23.13 -7.32 -10.36
N ARG A 58 23.43 -6.02 -10.56
CA ARG A 58 22.98 -4.97 -9.65
C ARG A 58 21.49 -5.01 -9.40
N LEU A 59 20.72 -5.29 -10.46
CA LEU A 59 19.24 -5.43 -10.35
C LEU A 59 18.98 -6.56 -9.37
N LYS A 60 19.78 -7.63 -9.53
CA LYS A 60 19.58 -8.72 -8.61
C LYS A 60 19.69 -8.19 -7.18
N GLU A 61 20.75 -7.42 -6.92
CA GLU A 61 20.79 -6.88 -5.58
C GLU A 61 19.66 -5.87 -5.30
N VAL A 62 19.36 -4.96 -6.25
CA VAL A 62 18.27 -4.00 -6.04
C VAL A 62 17.01 -4.75 -5.57
N LEU A 63 16.69 -5.78 -6.35
CA LEU A 63 15.59 -6.68 -6.11
C LEU A 63 15.70 -7.28 -4.70
N GLN A 64 16.81 -7.95 -4.44
CA GLN A 64 16.95 -8.56 -3.12
C GLN A 64 16.81 -7.65 -1.93
N TYR A 65 17.42 -6.47 -1.97
CA TYR A 65 17.30 -5.55 -0.85
C TYR A 65 15.88 -5.05 -0.57
N ASN A 66 15.25 -4.53 -1.62
CA ASN A 66 13.91 -3.96 -1.48
C ASN A 66 12.56 -4.69 -1.52
N ALA A 67 12.48 -5.74 -2.35
CA ALA A 67 11.23 -6.51 -2.57
C ALA A 67 10.69 -7.30 -1.39
N PRO A 68 11.56 -8.12 -0.84
CA PRO A 68 11.16 -8.97 0.27
C PRO A 68 11.05 -8.04 1.44
N GLY A 69 10.08 -8.24 2.33
CA GLY A 69 10.02 -7.35 3.50
C GLY A 69 8.80 -6.82 4.25
N GLY A 70 7.63 -6.91 3.64
CA GLY A 70 6.42 -6.43 4.32
C GLY A 70 5.78 -7.68 4.93
N LYS A 71 4.51 -7.59 5.25
CA LYS A 71 3.77 -8.71 5.79
C LYS A 71 3.34 -9.51 4.53
N CYS A 72 3.37 -8.81 3.39
CA CYS A 72 3.06 -9.33 2.04
C CYS A 72 1.59 -9.43 1.63
N ASN A 73 0.73 -8.73 2.34
CA ASN A 73 -0.70 -8.77 2.16
C ASN A 73 -1.25 -8.47 0.84
N ARG A 74 -0.83 -7.35 0.33
CA ARG A 74 -1.34 -6.94 -0.97
C ARG A 74 -1.20 -8.06 -2.01
N GLY A 75 -0.04 -8.69 -2.07
CA GLY A 75 0.15 -9.76 -3.05
C GLY A 75 -0.75 -10.96 -2.74
N LEU A 76 -0.72 -11.43 -1.50
CA LEU A 76 -1.52 -12.54 -1.06
C LEU A 76 -3.03 -12.36 -1.33
N THR A 77 -3.43 -11.11 -1.51
CA THR A 77 -4.81 -10.79 -1.73
C THR A 77 -5.22 -11.26 -3.15
N VAL A 78 -4.31 -11.21 -4.10
CA VAL A 78 -4.65 -11.69 -5.41
C VAL A 78 -4.94 -13.17 -5.21
N VAL A 79 -3.94 -13.85 -4.70
CA VAL A 79 -4.02 -15.27 -4.48
C VAL A 79 -5.25 -15.68 -3.69
N ALA A 80 -5.72 -14.86 -2.79
CA ALA A 80 -6.86 -15.35 -2.06
C ALA A 80 -8.06 -15.32 -2.97
N ALA A 81 -8.30 -14.11 -3.46
CA ALA A 81 -9.44 -13.84 -4.30
C ALA A 81 -9.51 -14.84 -5.43
N TYR A 82 -8.37 -15.05 -6.07
CA TYR A 82 -8.41 -15.94 -7.16
C TYR A 82 -8.83 -17.31 -6.75
N ARG A 83 -8.31 -17.68 -5.60
CA ARG A 83 -8.58 -18.98 -5.06
C ARG A 83 -10.03 -18.98 -4.67
N GLU A 84 -10.66 -17.85 -4.60
CA GLU A 84 -12.02 -17.96 -4.17
C GLU A 84 -12.98 -17.65 -5.29
N LEU A 85 -12.44 -17.20 -6.44
CA LEU A 85 -13.25 -16.79 -7.58
C LEU A 85 -13.27 -17.87 -8.68
N SER A 86 -12.11 -18.45 -8.95
CA SER A 86 -11.97 -19.47 -9.97
C SER A 86 -12.87 -20.63 -9.68
N GLY A 87 -13.20 -21.35 -10.74
CA GLY A 87 -14.01 -22.60 -10.66
C GLY A 87 -13.00 -23.77 -10.58
N PRO A 88 -13.41 -25.03 -10.53
CA PRO A 88 -12.38 -26.07 -10.45
C PRO A 88 -11.54 -26.29 -11.69
N GLY A 89 -12.04 -25.76 -12.82
CA GLY A 89 -11.29 -25.88 -14.07
C GLY A 89 -9.97 -25.15 -13.79
N GLN A 90 -10.09 -23.88 -13.39
CA GLN A 90 -8.96 -23.01 -13.08
C GLN A 90 -8.01 -23.29 -11.91
N LYS A 91 -8.30 -24.23 -11.03
CA LYS A 91 -7.33 -24.43 -9.97
C LYS A 91 -6.07 -25.19 -10.37
N ASP A 92 -5.75 -25.23 -11.65
CA ASP A 92 -4.49 -25.92 -11.92
C ASP A 92 -3.31 -25.13 -11.36
N ALA A 93 -2.20 -25.83 -11.37
CA ALA A 93 -0.95 -25.32 -10.89
C ALA A 93 -0.47 -24.15 -11.66
N GLU A 94 -0.55 -24.20 -12.97
CA GLU A 94 -0.02 -23.05 -13.64
C GLU A 94 -0.90 -21.90 -13.31
N SER A 95 -2.20 -22.16 -13.32
CA SER A 95 -3.10 -21.07 -13.01
C SER A 95 -2.76 -20.57 -11.62
N LEU A 96 -2.32 -21.46 -10.76
CA LEU A 96 -1.98 -21.04 -9.43
C LEU A 96 -0.74 -20.19 -9.42
N ARG A 97 0.31 -20.70 -10.02
CA ARG A 97 1.55 -19.97 -10.14
C ARG A 97 1.29 -18.59 -10.66
N CYS A 98 0.39 -18.41 -11.62
CA CYS A 98 0.16 -17.05 -12.18
C CYS A 98 -0.39 -16.09 -11.19
N ALA A 99 -1.29 -16.62 -10.38
CA ALA A 99 -1.90 -15.85 -9.32
C ALA A 99 -0.66 -15.33 -8.54
N LEU A 100 0.13 -16.25 -7.97
CA LEU A 100 1.38 -15.94 -7.23
C LEU A 100 2.23 -14.94 -7.98
N ALA A 101 2.46 -15.17 -9.27
CA ALA A 101 3.25 -14.19 -9.99
C ALA A 101 2.54 -12.81 -10.00
N VAL A 102 1.30 -12.67 -10.46
CA VAL A 102 0.68 -11.32 -10.45
C VAL A 102 0.73 -10.70 -9.04
N GLY A 103 0.82 -11.54 -8.00
CA GLY A 103 0.91 -11.03 -6.63
C GLY A 103 2.23 -10.28 -6.35
N TRP A 104 3.31 -10.96 -6.64
CA TRP A 104 4.60 -10.36 -6.46
C TRP A 104 4.77 -9.11 -7.33
N CYS A 105 3.93 -9.05 -8.37
CA CYS A 105 3.91 -7.92 -9.33
C CYS A 105 3.40 -6.69 -8.59
N ILE A 106 2.46 -6.88 -7.67
CA ILE A 106 1.98 -5.74 -6.93
C ILE A 106 3.09 -5.42 -5.93
N GLU A 107 3.63 -6.42 -5.26
CA GLU A 107 4.75 -6.20 -4.38
C GLU A 107 5.94 -5.51 -5.08
N LEU A 108 6.24 -5.85 -6.33
CA LEU A 108 7.32 -5.12 -6.96
C LEU A 108 6.94 -3.61 -7.17
N PHE A 109 5.76 -3.38 -7.72
CA PHE A 109 5.25 -2.05 -7.97
C PHE A 109 5.42 -1.15 -6.71
N GLN A 110 4.94 -1.64 -5.57
CA GLN A 110 5.04 -0.92 -4.30
C GLN A 110 6.48 -0.61 -3.90
N ALA A 111 7.35 -1.57 -4.13
CA ALA A 111 8.76 -1.36 -3.82
C ALA A 111 9.25 -0.18 -4.67
N ALA A 112 9.02 -0.23 -5.97
CA ALA A 112 9.45 0.87 -6.81
C ALA A 112 9.03 2.20 -6.16
N SER A 113 7.82 2.28 -5.68
CA SER A 113 7.32 3.45 -5.04
C SER A 113 8.07 3.81 -3.76
N LEU A 114 8.13 2.85 -2.83
CA LEU A 114 8.76 3.09 -1.57
C LEU A 114 10.18 3.57 -1.83
N VAL A 115 10.90 2.88 -2.72
CA VAL A 115 12.27 3.29 -3.02
C VAL A 115 12.30 4.78 -3.23
N ALA A 116 11.43 5.26 -4.07
CA ALA A 116 11.30 6.68 -4.34
C ALA A 116 10.67 7.61 -3.33
N ASP A 117 9.70 7.18 -2.54
CA ASP A 117 9.12 8.10 -1.53
C ASP A 117 10.36 8.51 -0.64
N ASP A 118 11.18 7.52 -0.31
CA ASP A 118 12.33 7.72 0.54
C ASP A 118 13.30 8.78 0.05
N ILE A 119 13.59 8.79 -1.23
CA ILE A 119 14.51 9.81 -1.73
C ILE A 119 13.87 11.19 -1.67
N MET A 120 12.61 11.26 -2.10
CA MET A 120 11.83 12.50 -2.07
C MET A 120 11.46 12.83 -0.61
N ASP A 121 11.85 12.01 0.35
CA ASP A 121 11.49 12.31 1.72
C ASP A 121 12.75 12.35 2.55
N GLN A 122 13.86 12.07 1.90
CA GLN A 122 15.10 12.17 2.65
C GLN A 122 15.07 11.33 3.89
N SER A 123 14.33 10.24 3.79
CA SER A 123 14.20 9.32 4.88
C SER A 123 15.50 8.59 5.03
N LEU A 124 15.60 7.81 6.10
CA LEU A 124 16.79 7.09 6.52
C LEU A 124 16.51 5.61 6.71
N THR A 125 15.32 5.33 7.19
CA THR A 125 14.92 3.98 7.43
C THR A 125 13.68 3.48 6.75
N ARG A 126 13.74 2.23 6.37
CA ARG A 126 12.57 1.64 5.80
C ARG A 126 12.62 0.20 6.17
N ARG A 127 11.41 -0.30 6.50
CA ARG A 127 11.23 -1.72 6.82
C ARG A 127 12.51 -2.09 7.53
N GLY A 128 12.75 -1.49 8.69
CA GLY A 128 13.94 -1.69 9.52
C GLY A 128 15.33 -1.88 8.91
N GLN A 129 15.57 -1.33 7.76
CA GLN A 129 16.85 -1.52 7.14
C GLN A 129 17.06 -0.06 6.71
N LEU A 130 18.29 0.31 6.44
CA LEU A 130 18.63 1.65 6.01
C LEU A 130 18.14 1.76 4.54
N CYS A 131 17.59 2.91 4.18
CA CYS A 131 17.06 3.12 2.85
C CYS A 131 18.04 2.79 1.73
N TRP A 132 17.53 2.20 0.66
CA TRP A 132 18.39 1.84 -0.43
C TRP A 132 19.19 3.08 -0.89
N TYR A 133 18.55 4.24 -1.01
CA TYR A 133 19.35 5.39 -1.49
C TYR A 133 20.56 5.76 -0.64
N LYS A 134 20.43 5.63 0.67
CA LYS A 134 21.47 5.91 1.63
C LYS A 134 22.59 4.90 1.60
N LYS A 135 22.38 3.73 1.00
CA LYS A 135 23.52 2.80 1.00
C LYS A 135 24.55 3.62 0.22
N GLU A 136 25.74 3.70 0.78
CA GLU A 136 26.85 4.48 0.25
C GLU A 136 27.21 3.91 -1.11
N GLY A 137 27.33 4.73 -2.11
CA GLY A 137 27.68 4.25 -3.46
C GLY A 137 26.46 4.29 -4.39
N VAL A 138 25.27 4.35 -3.76
CA VAL A 138 23.99 4.36 -4.44
C VAL A 138 23.68 5.83 -4.68
N GLY A 139 23.01 6.42 -3.72
CA GLY A 139 22.68 7.83 -3.89
C GLY A 139 21.52 8.17 -4.82
N LEU A 140 21.69 9.23 -5.59
CA LEU A 140 20.64 9.63 -6.48
C LEU A 140 20.34 8.57 -7.54
N ASP A 141 21.29 7.61 -7.72
CA ASP A 141 21.20 6.46 -8.67
C ASP A 141 20.02 5.55 -8.35
N ALA A 142 19.51 5.60 -7.15
CA ALA A 142 18.40 4.79 -6.82
C ALA A 142 17.29 5.33 -7.68
N ILE A 143 17.43 6.50 -8.33
CA ILE A 143 16.33 6.97 -9.20
C ILE A 143 16.13 5.95 -10.33
N ASN A 144 17.23 5.59 -10.98
CA ASN A 144 17.17 4.59 -12.04
C ASN A 144 16.92 3.15 -11.57
N ASP A 145 17.04 2.85 -10.27
CA ASP A 145 16.87 1.48 -9.74
C ASP A 145 15.43 1.35 -9.41
N SER A 146 14.82 2.47 -9.09
CA SER A 146 13.41 2.34 -8.90
C SER A 146 12.75 2.08 -10.29
N PHE A 147 13.25 2.71 -11.33
CA PHE A 147 12.64 2.52 -12.60
C PHE A 147 12.70 1.06 -12.94
N LEU A 148 13.90 0.49 -12.81
CA LEU A 148 14.08 -0.90 -13.14
C LEU A 148 13.20 -1.82 -12.34
N LEU A 149 12.79 -1.36 -11.15
CA LEU A 149 11.99 -2.21 -10.28
C LEU A 149 10.62 -2.19 -10.89
N GLU A 150 10.26 -1.01 -11.38
CA GLU A 150 8.98 -0.70 -12.00
C GLU A 150 8.92 -1.48 -13.33
N SER A 151 10.05 -1.58 -14.03
CA SER A 151 10.10 -2.33 -15.28
C SER A 151 9.86 -3.77 -15.01
N SER A 152 10.37 -4.23 -13.89
CA SER A 152 10.25 -5.62 -13.56
C SER A 152 8.89 -6.25 -13.49
N VAL A 153 7.90 -5.42 -13.18
CA VAL A 153 6.52 -5.81 -13.05
C VAL A 153 5.96 -6.24 -14.42
N TYR A 154 6.22 -5.47 -15.45
CA TYR A 154 5.69 -5.79 -16.75
C TYR A 154 6.50 -6.89 -17.37
N ARG A 155 7.66 -7.15 -16.79
CA ARG A 155 8.53 -8.20 -17.32
C ARG A 155 7.99 -9.51 -16.82
N VAL A 156 7.51 -9.52 -15.59
CA VAL A 156 6.98 -10.74 -15.03
C VAL A 156 5.60 -11.00 -15.60
N LEU A 157 4.90 -9.96 -16.04
CA LEU A 157 3.56 -10.19 -16.60
C LEU A 157 3.73 -10.85 -17.96
N LYS A 158 4.59 -10.28 -18.80
CA LYS A 158 4.87 -10.85 -20.10
C LYS A 158 5.20 -12.31 -19.80
N LYS A 159 6.13 -12.54 -18.86
CA LYS A 159 6.51 -13.92 -18.56
C LYS A 159 5.41 -14.92 -18.25
N TYR A 160 4.47 -14.59 -17.38
CA TYR A 160 3.49 -15.61 -17.05
C TYR A 160 2.10 -15.47 -17.59
N CYS A 161 1.84 -14.48 -18.40
CA CYS A 161 0.47 -14.31 -18.83
C CYS A 161 0.29 -13.81 -20.25
N ARG A 162 1.39 -13.57 -20.96
CA ARG A 162 1.41 -13.10 -22.36
C ARG A 162 0.44 -13.86 -23.28
N GLN A 163 0.17 -15.13 -22.94
CA GLN A 163 -0.82 -15.86 -23.71
C GLN A 163 -2.01 -16.21 -22.84
N ARG A 164 -2.73 -15.22 -22.32
CA ARG A 164 -3.91 -15.51 -21.51
C ARG A 164 -4.85 -14.46 -22.03
N PRO A 165 -6.13 -14.74 -22.12
CA PRO A 165 -7.06 -13.74 -22.65
C PRO A 165 -7.06 -12.46 -21.83
N TYR A 166 -6.62 -12.52 -20.60
CA TYR A 166 -6.63 -11.34 -19.80
C TYR A 166 -5.37 -10.43 -19.86
N TYR A 167 -4.27 -10.89 -20.48
CA TYR A 167 -3.05 -10.09 -20.68
C TYR A 167 -3.24 -8.61 -20.91
N VAL A 168 -3.97 -8.22 -21.95
CA VAL A 168 -4.08 -6.77 -22.07
C VAL A 168 -4.83 -6.09 -20.92
N HIS A 169 -5.77 -6.76 -20.27
CA HIS A 169 -6.47 -6.05 -19.21
C HIS A 169 -5.54 -5.78 -18.08
N LEU A 170 -4.82 -6.81 -17.65
CA LEU A 170 -3.79 -6.74 -16.61
C LEU A 170 -2.78 -5.59 -16.90
N LEU A 171 -2.19 -5.54 -18.11
CA LEU A 171 -1.24 -4.48 -18.50
C LEU A 171 -1.89 -3.10 -18.20
N GLU A 172 -3.07 -2.94 -18.73
CA GLU A 172 -3.77 -1.73 -18.58
C GLU A 172 -4.07 -1.48 -17.17
N LEU A 173 -4.35 -2.54 -16.44
CA LEU A 173 -4.68 -2.30 -15.04
C LEU A 173 -3.44 -1.88 -14.24
N PHE A 174 -2.29 -2.51 -14.44
CA PHE A 174 -1.13 -2.09 -13.68
C PHE A 174 -0.76 -0.70 -14.04
N LEU A 175 -0.63 -0.46 -15.33
CA LEU A 175 -0.30 0.87 -15.77
C LEU A 175 -1.20 2.02 -15.26
N GLN A 176 -2.53 1.86 -15.28
CA GLN A 176 -3.48 2.92 -14.88
C GLN A 176 -3.32 3.18 -13.43
N THR A 177 -3.23 2.10 -12.68
CA THR A 177 -3.12 2.32 -11.27
C THR A 177 -1.81 3.02 -10.98
N ALA A 178 -0.82 2.86 -11.86
CA ALA A 178 0.44 3.51 -11.53
C ALA A 178 0.19 4.99 -11.63
N TYR A 179 -0.49 5.36 -12.70
CA TYR A 179 -0.83 6.74 -12.89
C TYR A 179 -1.66 7.23 -11.72
N GLN A 180 -2.63 6.49 -11.23
CA GLN A 180 -3.38 7.12 -10.16
C GLN A 180 -2.68 7.32 -8.83
N THR A 181 -1.70 6.47 -8.55
CA THR A 181 -0.95 6.58 -7.28
C THR A 181 0.04 7.74 -7.30
N GLU A 182 0.60 7.98 -8.49
CA GLU A 182 1.51 9.07 -8.77
C GLU A 182 0.83 10.39 -8.58
N LEU A 183 -0.39 10.45 -9.09
CA LEU A 183 -1.22 11.66 -9.00
C LEU A 183 -1.35 11.89 -7.54
N GLY A 184 -1.69 10.79 -6.86
CA GLY A 184 -1.87 10.77 -5.42
C GLY A 184 -0.56 11.19 -4.74
N GLN A 185 0.57 10.77 -5.27
CA GLN A 185 1.79 11.18 -4.69
C GLN A 185 1.93 12.70 -4.92
N MET A 186 1.53 13.13 -6.13
CA MET A 186 1.66 14.55 -6.44
C MET A 186 0.98 15.35 -5.34
N LEU A 187 -0.27 15.01 -5.10
CA LEU A 187 -1.02 15.74 -4.13
C LEU A 187 -0.34 15.78 -2.80
N ASP A 188 0.42 14.74 -2.49
CA ASP A 188 1.08 14.69 -1.21
C ASP A 188 2.17 15.69 -1.35
N LEU A 189 3.07 15.44 -2.28
CA LEU A 189 4.18 16.33 -2.57
C LEU A 189 3.82 17.83 -2.41
N ILE A 190 2.89 18.28 -3.22
CA ILE A 190 2.43 19.61 -3.18
C ILE A 190 1.83 19.90 -1.81
N THR A 191 1.08 19.01 -1.18
CA THR A 191 0.46 19.41 0.10
C THR A 191 1.38 19.57 1.32
N ALA A 192 2.05 18.50 1.65
CA ALA A 192 2.88 18.52 2.82
C ALA A 192 4.32 18.33 2.46
N PRO A 193 5.07 19.43 2.32
CA PRO A 193 6.53 19.34 2.05
C PRO A 193 7.18 19.10 3.43
N VAL A 194 8.22 18.27 3.44
CA VAL A 194 8.97 17.85 4.64
C VAL A 194 10.17 18.76 4.89
N SER A 195 9.89 20.07 4.97
CA SER A 195 10.87 21.14 5.13
C SER A 195 9.98 22.37 4.95
N LYS A 196 8.78 22.27 5.49
CA LYS A 196 7.81 23.34 5.41
C LYS A 196 6.50 22.85 6.01
N VAL A 197 6.20 23.36 7.22
CA VAL A 197 5.01 23.03 8.04
C VAL A 197 3.59 23.22 7.49
N ASP A 198 3.27 24.48 7.14
CA ASP A 198 1.97 24.90 6.62
C ASP A 198 0.78 23.97 6.76
N LEU A 199 -0.06 24.29 7.75
CA LEU A 199 -1.24 23.51 8.07
C LEU A 199 -2.55 23.86 7.35
N SER A 200 -2.47 24.86 6.48
CA SER A 200 -3.62 25.38 5.73
C SER A 200 -4.36 24.36 4.89
N HIS A 201 -3.53 23.66 4.11
CA HIS A 201 -3.98 22.66 3.18
C HIS A 201 -4.16 21.31 3.80
N PHE A 202 -3.73 21.15 5.04
CA PHE A 202 -4.01 19.87 5.65
C PHE A 202 -5.53 20.07 5.86
N SER A 203 -6.32 19.62 4.89
CA SER A 203 -7.79 19.71 4.89
C SER A 203 -8.35 18.31 4.79
N GLU A 204 -9.59 18.10 5.23
CA GLU A 204 -10.24 16.77 5.14
C GLU A 204 -10.37 16.27 3.68
N GLU A 205 -10.89 17.14 2.84
CA GLU A 205 -11.02 16.74 1.47
C GLU A 205 -9.69 16.34 0.88
N ARG A 206 -8.66 17.12 1.12
CA ARG A 206 -7.36 16.89 0.56
C ARG A 206 -6.86 15.55 1.08
N TYR A 207 -6.84 15.45 2.39
CA TYR A 207 -6.33 14.27 3.03
C TYR A 207 -7.01 13.12 2.38
N LYS A 208 -8.32 13.23 2.34
CA LYS A 208 -9.06 12.16 1.75
C LYS A 208 -8.64 11.81 0.32
N ALA A 209 -8.56 12.81 -0.54
CA ALA A 209 -8.22 12.55 -1.93
C ALA A 209 -6.84 12.04 -2.11
N ILE A 210 -6.00 12.36 -1.13
CA ILE A 210 -4.60 11.91 -1.09
C ILE A 210 -4.62 10.36 -0.93
N VAL A 211 -5.32 9.92 0.10
CA VAL A 211 -5.45 8.52 0.38
C VAL A 211 -6.09 7.72 -0.81
N LYS A 212 -7.22 8.18 -1.35
CA LYS A 212 -7.88 7.50 -2.45
C LYS A 212 -6.82 7.18 -3.49
N TYR A 213 -6.18 8.22 -3.97
CA TYR A 213 -5.18 8.01 -4.96
C TYR A 213 -3.90 7.34 -4.65
N LYS A 214 -3.19 7.75 -3.59
CA LYS A 214 -1.90 7.15 -3.33
C LYS A 214 -1.86 5.79 -2.74
N THR A 215 -2.93 5.28 -2.17
CA THR A 215 -2.74 3.92 -1.65
C THR A 215 -3.89 3.00 -1.85
N ALA A 216 -5.10 3.57 -1.74
CA ALA A 216 -6.35 2.81 -1.94
C ALA A 216 -6.42 1.92 -3.22
N PHE A 217 -6.22 2.52 -4.38
CA PHE A 217 -6.24 1.78 -5.61
C PHE A 217 -5.15 0.69 -5.59
N TYR A 218 -3.90 1.08 -5.40
CA TYR A 218 -2.88 0.07 -5.49
C TYR A 218 -2.91 -1.00 -4.45
N SER A 219 -3.31 -0.62 -3.25
CA SER A 219 -3.39 -1.59 -2.17
C SER A 219 -4.63 -2.50 -2.05
N PHE A 220 -5.80 -2.03 -2.51
CA PHE A 220 -7.02 -2.78 -2.40
C PHE A 220 -7.74 -3.14 -3.69
N TYR A 221 -8.02 -2.17 -4.52
CA TYR A 221 -8.69 -2.45 -5.77
C TYR A 221 -7.82 -3.30 -6.68
N LEU A 222 -6.64 -2.82 -7.01
CA LEU A 222 -5.74 -3.54 -7.89
C LEU A 222 -5.63 -5.08 -7.69
N PRO A 223 -5.53 -5.54 -6.45
CA PRO A 223 -5.40 -6.97 -6.24
C PRO A 223 -6.70 -7.77 -6.52
N VAL A 224 -7.85 -7.26 -6.13
CA VAL A 224 -9.08 -7.95 -6.41
C VAL A 224 -9.35 -7.83 -7.93
N ALA A 225 -9.29 -6.60 -8.45
CA ALA A 225 -9.52 -6.40 -9.86
C ALA A 225 -8.68 -7.39 -10.65
N ALA A 226 -7.48 -7.70 -10.22
CA ALA A 226 -6.65 -8.59 -11.06
C ALA A 226 -7.13 -10.03 -11.10
N ALA A 227 -7.74 -10.45 -10.02
CA ALA A 227 -8.24 -11.80 -9.92
C ALA A 227 -9.60 -11.74 -10.61
N MET A 228 -10.13 -10.54 -10.84
CA MET A 228 -11.42 -10.49 -11.51
C MET A 228 -11.11 -10.72 -12.92
N TYR A 229 -10.24 -9.91 -13.49
CA TYR A 229 -9.86 -10.12 -14.89
C TYR A 229 -9.34 -11.57 -15.09
N MET A 230 -8.71 -12.16 -14.08
CA MET A 230 -8.19 -13.50 -14.33
C MET A 230 -9.30 -14.52 -14.43
N VAL A 231 -10.37 -14.36 -13.66
CA VAL A 231 -11.46 -15.31 -13.79
C VAL A 231 -12.40 -14.97 -14.92
N GLY A 232 -12.17 -13.85 -15.57
CA GLY A 232 -13.04 -13.51 -16.69
C GLY A 232 -14.08 -12.44 -16.42
N ILE A 233 -14.07 -11.84 -15.25
CA ILE A 233 -15.04 -10.82 -15.01
C ILE A 233 -14.48 -9.52 -15.51
N ASP A 234 -14.73 -9.15 -16.75
CA ASP A 234 -14.19 -7.88 -17.21
C ASP A 234 -15.25 -6.79 -17.42
N SER A 235 -16.41 -6.86 -16.75
CA SER A 235 -17.45 -5.81 -16.88
C SER A 235 -17.16 -4.53 -16.09
N LYS A 236 -17.21 -3.40 -16.79
CA LYS A 236 -17.00 -2.10 -16.22
C LYS A 236 -17.97 -1.94 -15.03
N GLU A 237 -19.18 -2.42 -15.08
CA GLU A 237 -19.99 -2.17 -13.90
C GLU A 237 -19.66 -3.01 -12.69
N GLU A 238 -18.96 -4.11 -12.90
CA GLU A 238 -18.58 -4.97 -11.77
C GLU A 238 -17.25 -4.47 -11.19
N HIS A 239 -16.44 -3.84 -12.02
CA HIS A 239 -15.20 -3.36 -11.49
C HIS A 239 -15.57 -2.18 -10.65
N GLU A 240 -16.62 -1.49 -11.08
CA GLU A 240 -17.09 -0.36 -10.35
C GLU A 240 -17.72 -0.85 -9.05
N ASN A 241 -18.41 -1.98 -9.08
CA ASN A 241 -19.01 -2.48 -7.82
C ASN A 241 -17.96 -2.90 -6.77
N ALA A 242 -16.86 -3.37 -7.29
CA ALA A 242 -15.81 -3.81 -6.42
C ALA A 242 -15.09 -2.54 -5.96
N LYS A 243 -14.87 -1.69 -6.93
CA LYS A 243 -14.11 -0.50 -6.68
C LYS A 243 -14.71 0.27 -5.57
N ALA A 244 -16.04 0.35 -5.58
CA ALA A 244 -16.81 1.07 -4.59
C ALA A 244 -16.68 0.49 -3.21
N ILE A 245 -16.38 -0.76 -3.10
CA ILE A 245 -16.40 -1.08 -1.72
C ILE A 245 -15.00 -1.20 -1.16
N LEU A 246 -14.05 -1.42 -2.07
CA LEU A 246 -12.68 -1.63 -1.63
C LEU A 246 -12.04 -0.33 -1.26
N LEU A 247 -12.48 0.72 -1.96
CA LEU A 247 -11.98 2.06 -1.66
C LEU A 247 -12.36 2.52 -0.22
N GLU A 248 -13.58 2.17 0.18
CA GLU A 248 -14.10 2.44 1.50
C GLU A 248 -13.09 1.83 2.47
N MET A 249 -12.87 0.52 2.28
CA MET A 249 -11.96 -0.27 3.10
C MET A 249 -10.63 0.47 3.19
N GLY A 250 -9.99 0.60 2.05
CA GLY A 250 -8.71 1.25 1.95
C GLY A 250 -8.62 2.60 2.58
N GLU A 251 -9.70 3.38 2.59
CA GLU A 251 -9.64 4.68 3.21
C GLU A 251 -9.44 4.36 4.71
N TYR A 252 -10.47 3.73 5.28
CA TYR A 252 -10.46 3.28 6.64
C TYR A 252 -9.11 2.69 7.03
N PHE A 253 -8.52 1.93 6.16
CA PHE A 253 -7.33 1.29 6.56
C PHE A 253 -6.21 2.26 6.84
N GLN A 254 -6.10 3.24 5.97
CA GLN A 254 -5.04 4.18 6.10
C GLN A 254 -5.27 4.96 7.37
N ILE A 255 -6.52 5.17 7.68
CA ILE A 255 -6.86 5.95 8.84
C ILE A 255 -6.32 5.16 10.02
N GLN A 256 -6.61 3.87 10.00
CA GLN A 256 -6.21 3.00 11.10
C GLN A 256 -4.74 3.03 11.26
N ASP A 257 -4.08 3.02 10.13
CA ASP A 257 -2.64 3.04 10.20
C ASP A 257 -2.35 4.33 10.88
N ASP A 258 -2.93 5.43 10.41
CA ASP A 258 -2.74 6.73 11.06
C ASP A 258 -3.04 6.77 12.57
N TYR A 259 -4.10 6.10 13.03
CA TYR A 259 -4.48 6.08 14.44
C TYR A 259 -3.50 5.29 15.30
N LEU A 260 -2.92 4.28 14.68
CA LEU A 260 -1.97 3.36 15.29
C LEU A 260 -0.55 3.88 15.44
N ASP A 261 -0.20 4.88 14.64
CA ASP A 261 1.14 5.47 14.73
C ASP A 261 1.23 6.32 16.07
N CYS A 262 0.11 6.80 16.56
CA CYS A 262 0.12 7.58 17.79
C CYS A 262 -0.40 6.74 18.95
N PHE A 263 -1.73 6.69 18.99
CA PHE A 263 -2.52 6.00 19.98
C PHE A 263 -2.55 4.53 20.05
N GLY A 264 -1.55 3.87 19.46
CA GLY A 264 -1.58 2.41 19.55
C GLY A 264 -0.26 1.90 20.03
N ASP A 265 -0.26 0.68 20.57
CA ASP A 265 0.98 0.06 20.99
C ASP A 265 1.12 -1.42 21.24
N PRO A 266 0.19 -1.98 22.04
CA PRO A 266 0.23 -3.42 22.37
C PRO A 266 0.38 -4.55 21.34
N ALA A 267 1.62 -4.87 21.03
CA ALA A 267 2.00 -5.87 20.04
C ALA A 267 1.92 -5.26 18.66
N LEU A 268 1.78 -3.94 18.61
CA LEU A 268 1.76 -3.17 17.36
C LEU A 268 2.85 -3.56 16.40
N THR A 269 2.39 -3.88 15.19
CA THR A 269 3.13 -4.29 13.97
C THR A 269 4.63 -3.94 13.95
N GLY A 270 5.39 -4.51 14.89
CA GLY A 270 6.82 -4.22 14.99
C GLY A 270 7.01 -2.75 15.47
N ALA A 271 7.80 -2.01 14.69
CA ALA A 271 8.08 -0.61 15.00
C ALA A 271 6.88 0.19 15.46
N VAL A 272 7.05 0.60 16.71
CA VAL A 272 6.10 1.45 17.40
C VAL A 272 6.78 2.83 17.48
N GLY A 273 7.14 3.30 16.30
CA GLY A 273 7.78 4.59 16.11
C GLY A 273 6.79 5.71 15.83
N THR A 274 7.20 6.67 15.02
CA THR A 274 6.35 7.80 14.76
C THR A 274 6.90 8.73 13.68
N ASP A 275 5.99 9.57 13.22
CA ASP A 275 6.24 10.59 12.21
C ASP A 275 5.26 11.79 12.33
N ILE A 276 4.91 12.11 13.57
CA ILE A 276 4.05 13.26 13.89
C ILE A 276 5.14 14.32 13.75
N GLN A 277 6.31 13.89 14.15
CA GLN A 277 7.51 14.66 14.07
C GLN A 277 7.63 15.08 12.59
N ASP A 278 7.30 14.20 11.66
CA ASP A 278 7.41 14.59 10.26
C ASP A 278 6.14 15.31 9.88
N ASN A 279 6.30 16.51 9.32
CA ASN A 279 5.13 17.30 8.97
C ASN A 279 4.44 16.34 8.01
N LYS A 280 3.48 15.67 8.61
CA LYS A 280 2.75 14.66 7.92
C LYS A 280 1.25 14.87 7.91
N CYS A 281 0.67 14.75 6.73
CA CYS A 281 -0.78 14.85 6.59
C CYS A 281 -1.37 13.52 7.18
N SER A 282 -1.84 13.52 8.42
CA SER A 282 -2.37 12.32 9.03
C SER A 282 -3.82 12.63 9.34
N TRP A 283 -4.65 11.60 9.55
CA TRP A 283 -6.06 11.80 9.88
C TRP A 283 -6.21 12.46 11.24
N LEU A 284 -5.24 12.15 12.12
CA LEU A 284 -5.16 12.64 13.50
C LEU A 284 -5.08 14.15 13.45
N VAL A 285 -4.05 14.65 12.79
CA VAL A 285 -3.87 16.08 12.62
C VAL A 285 -5.13 16.74 12.04
N VAL A 286 -5.58 16.23 10.91
CA VAL A 286 -6.72 16.79 10.21
C VAL A 286 -7.92 16.93 11.14
N GLN A 287 -8.24 15.86 11.87
CA GLN A 287 -9.36 15.94 12.79
C GLN A 287 -9.10 16.97 13.87
N CYS A 288 -7.81 17.10 14.24
CA CYS A 288 -7.38 18.01 15.28
C CYS A 288 -7.70 19.37 14.77
N LEU A 289 -7.20 19.67 13.57
CA LEU A 289 -7.43 21.00 12.98
C LEU A 289 -8.87 21.37 13.18
N GLN A 290 -9.74 20.94 12.28
CA GLN A 290 -11.15 21.23 12.36
C GLN A 290 -11.80 21.35 13.75
N ARG A 291 -11.19 20.74 14.76
CA ARG A 291 -11.73 20.72 16.12
C ARG A 291 -10.84 21.45 17.14
N VAL A 292 -10.36 22.64 16.76
CA VAL A 292 -9.43 23.46 17.55
C VAL A 292 -9.69 24.96 17.62
N THR A 293 -9.31 25.53 18.76
CA THR A 293 -9.36 26.98 19.10
C THR A 293 -8.01 27.56 18.70
N PRO A 294 -8.03 28.69 18.01
CA PRO A 294 -6.82 29.42 17.57
C PRO A 294 -5.71 29.33 18.58
N GLU A 295 -6.07 29.02 19.80
CA GLU A 295 -5.02 28.87 20.76
C GLU A 295 -4.32 27.60 20.27
N GLN A 296 -5.00 26.47 20.32
CA GLN A 296 -4.32 25.26 19.86
C GLN A 296 -3.91 25.35 18.39
N ARG A 297 -4.80 25.91 17.54
CA ARG A 297 -4.53 26.01 16.11
C ARG A 297 -3.21 26.69 15.82
N GLN A 298 -2.60 27.21 16.87
CA GLN A 298 -1.30 27.84 16.77
C GLN A 298 -0.29 27.03 17.61
N LEU A 299 -0.79 26.50 18.72
CA LEU A 299 0.05 25.70 19.58
C LEU A 299 0.53 24.56 18.69
N LEU A 300 -0.37 24.14 17.81
CA LEU A 300 -0.13 23.05 16.88
C LEU A 300 0.68 23.55 15.72
N GLU A 301 0.14 24.62 15.14
CA GLU A 301 0.73 25.25 13.99
C GLU A 301 2.22 25.39 14.12
N ASP A 302 2.69 25.40 15.36
CA ASP A 302 4.13 25.58 15.61
C ASP A 302 5.03 24.41 15.92
N ASN A 303 4.50 23.46 16.69
CA ASN A 303 5.27 22.28 17.11
C ASN A 303 5.22 20.99 16.21
N TYR A 304 4.34 20.99 15.21
CA TYR A 304 4.25 19.86 14.31
C TYR A 304 5.30 19.98 13.20
N GLY A 305 6.09 18.92 13.04
CA GLY A 305 7.16 18.89 12.06
C GLY A 305 8.39 18.86 12.94
N ARG A 306 8.08 19.04 14.21
CA ARG A 306 9.10 19.07 15.21
C ARG A 306 9.71 17.77 15.63
N LYS A 307 10.99 17.67 15.37
CA LYS A 307 11.82 16.51 15.67
C LYS A 307 12.40 16.66 17.08
N GLU A 308 11.94 17.67 17.81
CA GLU A 308 12.40 17.93 19.17
C GLU A 308 11.35 17.34 20.16
N PRO A 309 11.75 16.30 20.88
CA PRO A 309 10.85 15.60 21.81
C PRO A 309 9.81 16.34 22.61
N GLU A 310 10.16 17.50 23.18
CA GLU A 310 9.22 18.26 23.98
C GLU A 310 7.99 18.49 23.13
N LYS A 311 8.24 19.05 21.94
CA LYS A 311 7.25 19.34 20.91
C LYS A 311 6.26 18.17 20.63
N VAL A 312 6.79 17.07 20.12
CA VAL A 312 6.05 15.88 19.78
C VAL A 312 5.13 15.60 20.94
N ALA A 313 5.72 15.33 22.09
CA ALA A 313 5.00 15.08 23.33
C ALA A 313 3.84 16.04 23.49
N LYS A 314 4.10 17.32 23.20
CA LYS A 314 3.04 18.31 23.32
C LYS A 314 1.92 17.96 22.37
N VAL A 315 2.34 17.69 21.12
CA VAL A 315 1.46 17.33 19.99
C VAL A 315 0.46 16.25 20.36
N LYS A 316 0.95 15.24 21.06
CA LYS A 316 0.09 14.16 21.51
C LYS A 316 -0.85 14.70 22.59
N GLU A 317 -0.34 15.55 23.49
CA GLU A 317 -1.17 16.15 24.54
C GLU A 317 -2.44 16.77 23.93
N LEU A 318 -2.19 17.68 23.00
CA LEU A 318 -3.20 18.41 22.30
C LEU A 318 -4.29 17.42 21.86
N TYR A 319 -3.87 16.31 21.27
CA TYR A 319 -4.80 15.28 20.78
C TYR A 319 -5.63 14.60 21.90
N GLU A 320 -5.05 14.46 23.09
CA GLU A 320 -5.79 13.82 24.18
C GLU A 320 -6.65 14.95 24.67
N ALA A 321 -6.01 16.12 24.60
CA ALA A 321 -6.64 17.34 24.98
C ALA A 321 -7.91 17.36 24.12
N VAL A 322 -7.78 17.22 22.82
CA VAL A 322 -9.03 17.22 22.07
C VAL A 322 -9.76 15.87 22.04
N GLY A 323 -9.11 14.83 22.57
CA GLY A 323 -9.75 13.53 22.61
C GLY A 323 -9.89 12.78 21.30
N MET A 324 -8.77 12.69 20.60
CA MET A 324 -8.75 11.99 19.34
C MET A 324 -9.31 10.60 19.47
N ARG A 325 -8.65 9.77 20.26
CA ARG A 325 -9.07 8.39 20.35
C ARG A 325 -10.51 8.05 20.45
N ALA A 326 -11.29 8.99 20.93
CA ALA A 326 -12.67 8.58 20.97
C ALA A 326 -13.23 8.79 19.58
N ALA A 327 -12.92 9.92 18.98
CA ALA A 327 -13.39 10.23 17.64
C ALA A 327 -13.00 9.13 16.70
N PHE A 328 -11.94 8.41 17.06
CA PHE A 328 -11.52 7.32 16.23
C PHE A 328 -12.63 6.27 16.35
N GLN A 329 -12.85 5.86 17.60
CA GLN A 329 -13.83 4.82 17.93
C GLN A 329 -15.20 5.12 17.40
N GLN A 330 -15.48 6.39 17.17
CA GLN A 330 -16.76 6.69 16.56
C GLN A 330 -16.56 6.54 15.03
N TYR A 331 -15.35 6.82 14.56
CA TYR A 331 -15.07 6.66 13.13
C TYR A 331 -15.06 5.21 12.75
N GLU A 332 -14.09 4.47 13.30
CA GLU A 332 -13.96 3.03 13.01
C GLU A 332 -15.34 2.36 12.98
N GLU A 333 -16.24 2.87 13.82
CA GLU A 333 -17.62 2.37 13.97
C GLU A 333 -18.56 2.76 12.86
N SER A 334 -18.42 3.99 12.42
CA SER A 334 -19.29 4.42 11.36
C SER A 334 -18.91 3.55 10.19
N SER A 335 -17.59 3.50 10.02
CA SER A 335 -16.94 2.78 8.95
C SER A 335 -17.43 1.37 8.71
N TYR A 336 -17.36 0.52 9.75
CA TYR A 336 -17.78 -0.86 9.61
C TYR A 336 -19.20 -0.97 9.23
N ARG A 337 -20.04 -0.11 9.77
CA ARG A 337 -21.46 -0.19 9.40
C ARG A 337 -21.55 -0.09 7.86
N ARG A 338 -21.17 1.09 7.37
CA ARG A 338 -21.11 1.48 5.96
C ARG A 338 -20.42 0.42 5.08
N LEU A 339 -19.68 -0.49 5.68
CA LEU A 339 -19.09 -1.47 4.82
C LEU A 339 -20.16 -2.50 4.50
N GLN A 340 -20.81 -3.02 5.52
CA GLN A 340 -21.83 -4.03 5.32
C GLN A 340 -22.81 -3.54 4.31
N GLU A 341 -23.14 -2.27 4.39
CA GLU A 341 -24.11 -1.80 3.42
C GLU A 341 -23.72 -1.93 1.94
N LEU A 342 -22.51 -1.47 1.64
CA LEU A 342 -21.94 -1.47 0.29
C LEU A 342 -21.62 -2.90 -0.10
N ILE A 343 -21.58 -3.82 0.86
CA ILE A 343 -21.34 -5.20 0.53
C ILE A 343 -22.67 -5.65 -0.03
N GLU A 344 -23.75 -4.95 0.32
CA GLU A 344 -25.02 -5.34 -0.24
C GLU A 344 -25.26 -4.68 -1.58
N LYS A 345 -25.38 -3.36 -1.59
CA LYS A 345 -25.63 -2.65 -2.84
C LYS A 345 -24.69 -3.07 -3.99
N HIS A 346 -23.44 -3.40 -3.62
CA HIS A 346 -22.39 -3.68 -4.59
C HIS A 346 -21.80 -5.06 -4.78
N SER A 347 -22.10 -6.00 -3.86
CA SER A 347 -21.57 -7.36 -3.97
C SER A 347 -22.66 -8.20 -4.59
N ASN A 348 -23.40 -7.64 -5.54
CA ASN A 348 -24.46 -8.36 -6.22
C ASN A 348 -24.03 -9.65 -6.94
N ARG A 349 -23.09 -9.53 -7.86
CA ARG A 349 -22.65 -10.68 -8.60
C ARG A 349 -21.43 -11.30 -7.96
N LEU A 350 -20.74 -10.59 -7.07
CA LEU A 350 -19.56 -11.22 -6.51
C LEU A 350 -19.71 -11.74 -5.11
N PRO A 351 -18.80 -12.62 -4.77
CA PRO A 351 -18.81 -13.28 -3.48
C PRO A 351 -18.48 -12.40 -2.30
N LYS A 352 -19.49 -12.02 -1.52
CA LYS A 352 -19.25 -11.19 -0.34
C LYS A 352 -18.12 -11.81 0.46
N GLU A 353 -17.93 -13.13 0.34
CA GLU A 353 -16.86 -13.79 1.11
C GLU A 353 -15.54 -13.19 0.83
N ILE A 354 -15.46 -12.48 -0.28
CA ILE A 354 -14.20 -11.87 -0.68
C ILE A 354 -13.91 -10.65 0.18
N PHE A 355 -14.96 -9.87 0.33
CA PHE A 355 -14.87 -8.64 1.05
C PHE A 355 -14.82 -8.70 2.53
N LEU A 356 -15.33 -9.79 3.09
CA LEU A 356 -15.31 -9.95 4.54
C LEU A 356 -13.99 -10.49 5.06
N GLY A 357 -13.45 -11.47 4.36
CA GLY A 357 -12.20 -12.09 4.78
C GLY A 357 -11.11 -11.06 4.75
N LEU A 358 -11.28 -10.13 3.82
CA LEU A 358 -10.31 -9.07 3.71
C LEU A 358 -10.70 -8.11 4.83
N ALA A 359 -12.00 -7.86 4.96
CA ALA A 359 -12.46 -6.99 6.05
C ALA A 359 -12.07 -7.51 7.43
N GLN A 360 -12.23 -8.82 7.66
CA GLN A 360 -11.87 -9.42 8.94
C GLN A 360 -10.41 -9.20 9.28
N LYS A 361 -9.56 -9.07 8.27
CA LYS A 361 -8.17 -8.87 8.64
C LYS A 361 -7.78 -7.39 8.68
N ILE A 362 -8.78 -6.52 8.59
CA ILE A 362 -8.63 -5.05 8.57
C ILE A 362 -9.09 -4.32 9.83
N TYR A 363 -10.39 -4.16 10.05
CA TYR A 363 -10.85 -3.45 11.26
C TYR A 363 -10.35 -4.28 12.41
N LYS A 364 -9.55 -3.66 13.26
CA LYS A 364 -9.05 -4.44 14.38
C LYS A 364 -9.34 -3.56 15.57
N ARG A 365 -8.59 -2.43 15.60
CA ARG A 365 -8.56 -1.32 16.59
C ARG A 365 -7.69 -1.53 17.86
N GLN A 366 -7.44 -0.45 18.65
CA GLN A 366 -6.67 -0.41 19.94
C GLN A 366 -7.20 0.77 20.78
N LYS A 367 -8.36 0.51 21.40
CA LYS A 367 -9.13 1.46 22.18
C LYS A 367 -9.79 2.31 21.09
MG MG B . 7.67 8.93 3.16
MG MG C . 5.77 11.10 0.76
C1 GPP D . 3.75 6.49 0.90
O1 GPP D . 4.77 7.17 1.60
C2 GPP D . 3.75 6.77 -0.59
C3 GPP D . 3.44 5.80 -1.47
C4 GPP D . 3.07 4.44 -0.89
C5 GPP D . 3.38 6.13 -2.98
C6 GPP D . 4.55 6.68 -3.78
C7 GPP D . 4.14 6.94 -5.21
C8 GPP D . 5.09 7.25 -6.09
C9 GPP D . 6.50 7.30 -5.52
C10 GPP D . 4.60 7.52 -7.52
PA GPP D . 4.67 8.31 2.76
O1A GPP D . 5.10 9.75 2.09
O2A GPP D . 3.35 8.37 3.62
O3A GPP D . 5.77 7.97 3.81
PB GPP D . 5.76 6.66 4.67
O1B GPP D . 5.33 5.16 5.03
O2B GPP D . 7.25 6.38 4.22
O3B GPP D . 5.74 7.17 6.18
#